data_2F7A
#
_entry.id   2F7A
#
_cell.length_a   64.741
_cell.length_b   65.777
_cell.length_c   117.974
_cell.angle_alpha   90.00
_cell.angle_beta   90.00
_cell.angle_gamma   90.00
#
_symmetry.space_group_name_H-M   'P 21 21 21'
#
loop_
_entity.id
_entity.type
_entity.pdbx_description
1 polymer 'HTH-type transcriptional regulator benM'
2 non-polymer 'BENZOIC ACID'
3 non-polymer 'ACETATE ION'
4 non-polymer 'SULFATE ION'
5 non-polymer '(2Z,4Z)-HEXA-2,4-DIENEDIOIC ACID'
6 water water
#
_entity_poly.entity_id   1
_entity_poly.type   'polypeptide(L)'
_entity_poly.pdbx_seq_one_letter_code
;MTKRIASVEKTIRIGFVGSLLFGLLPRIIHLYRQAHPNLRIELYEMGTKAQTEALKEGRIDAGFGRLKISDPAIKRTLLR
NERLMVAVHASHPLNQMKDKGVHLNDLIDEKILLYPSSPKPNFSTHVMNIFSDHGLEPTKINEVREVQLALGLVAAGEGI
SLVPASTQSIQLFNLSYVPLLDPDAITPIYIAVRNMEESTYIYSLYETIRQIYAYEGFTEPPNWLEHHHHHH
;
_entity_poly.pdbx_strand_id   A,B
#
loop_
_chem_comp.id
_chem_comp.type
_chem_comp.name
_chem_comp.formula
ACT non-polymer 'ACETATE ION' 'C2 H3 O2 -1'
BEZ non-polymer 'BENZOIC ACID' 'C7 H6 O2'
CCU non-polymer '(2Z,4Z)-HEXA-2,4-DIENEDIOIC ACID' 'C6 H6 O4'
SO4 non-polymer 'SULFATE ION' 'O4 S -2'
#
# COMPACT_ATOMS: atom_id res chain seq x y z
N ARG A 4 23.84 6.80 25.64
CA ARG A 4 22.92 7.58 24.76
C ARG A 4 21.79 6.74 24.16
N ILE A 5 22.01 5.42 24.03
CA ILE A 5 21.01 4.53 23.43
C ILE A 5 19.87 4.28 24.42
N ALA A 6 18.66 4.13 23.90
CA ALA A 6 17.47 3.94 24.73
C ALA A 6 17.47 2.55 25.37
N SER A 7 16.95 2.47 26.60
CA SER A 7 16.87 1.21 27.34
C SER A 7 15.78 0.30 26.78
N VAL A 8 15.94 -1.01 26.99
CA VAL A 8 14.94 -1.98 26.50
C VAL A 8 13.61 -1.81 27.25
N GLU A 9 13.67 -1.36 28.50
CA GLU A 9 12.46 -1.04 29.27
C GLU A 9 11.63 0.08 28.64
N LYS A 10 12.31 1.11 28.13
CA LYS A 10 11.65 2.22 27.45
C LYS A 10 11.57 2.01 25.93
N THR A 11 11.59 0.76 25.50
CA THR A 11 11.35 0.41 24.11
C THR A 11 10.04 -0.34 24.05
N ILE A 12 9.15 0.10 23.16
CA ILE A 12 7.83 -0.49 23.00
C ILE A 12 7.72 -0.94 21.53
N ARG A 13 7.39 -2.20 21.33
CA ARG A 13 7.38 -2.79 20.00
C ARG A 13 5.94 -3.10 19.61
N ILE A 14 5.54 -2.61 18.44
CA ILE A 14 4.16 -2.68 17.98
C ILE A 14 4.08 -3.41 16.63
N GLY A 15 3.33 -4.52 16.63
CA GLY A 15 3.02 -5.26 15.42
C GLY A 15 1.73 -4.74 14.78
N PHE A 16 1.66 -4.76 13.46
CA PHE A 16 0.48 -4.27 12.73
C PHE A 16 0.32 -4.96 11.38
N VAL A 17 -0.92 -5.17 10.96
CA VAL A 17 -1.22 -5.65 9.62
C VAL A 17 -1.11 -4.42 8.71
N GLY A 18 -0.53 -4.63 7.53
CA GLY A 18 -0.17 -3.54 6.61
C GLY A 18 -1.29 -2.59 6.19
N SER A 19 -2.49 -3.12 5.97
CA SER A 19 -3.60 -2.30 5.49
C SER A 19 -4.05 -1.23 6.49
N LEU A 20 -3.75 -1.45 7.77
CA LEU A 20 -4.07 -0.48 8.83
C LEU A 20 -3.30 0.84 8.68
N LEU A 21 -2.24 0.86 7.88
CA LEU A 21 -1.53 2.10 7.57
C LEU A 21 -2.36 3.09 6.74
N PHE A 22 -3.43 2.61 6.11
CA PHE A 22 -4.32 3.45 5.32
C PHE A 22 -5.39 4.15 6.12
N GLY A 23 -5.58 3.73 7.38
CA GLY A 23 -6.59 4.33 8.24
C GLY A 23 -5.96 5.17 9.34
N LEU A 24 -6.36 4.91 10.58
CA LEU A 24 -6.02 5.76 11.71
C LEU A 24 -4.71 5.40 12.42
N LEU A 25 -4.14 4.24 12.16
CA LEU A 25 -2.98 3.78 12.93
C LEU A 25 -1.79 4.76 12.92
N PRO A 26 -1.43 5.30 11.75
CA PRO A 26 -0.30 6.21 11.74
C PRO A 26 -0.42 7.44 12.62
N ARG A 27 -1.59 8.09 12.65
CA ARG A 27 -1.75 9.29 13.46
C ARG A 27 -1.76 8.89 14.94
N ILE A 28 -2.27 7.70 15.23
CA ILE A 28 -2.23 7.16 16.59
C ILE A 28 -0.79 7.00 17.03
N ILE A 29 0.01 6.36 16.20
CA ILE A 29 1.42 6.16 16.50
C ILE A 29 2.14 7.52 16.61
N HIS A 30 1.92 8.40 15.63
CA HIS A 30 2.55 9.71 15.66
C HIS A 30 2.26 10.46 16.97
N LEU A 31 0.98 10.49 17.36
CA LEU A 31 0.57 11.14 18.60
C LEU A 31 1.18 10.47 19.84
N TYR A 32 1.16 9.14 19.87
CA TYR A 32 1.81 8.36 20.93
C TYR A 32 3.30 8.71 21.09
N ARG A 33 4.02 8.80 19.98
CA ARG A 33 5.44 9.16 19.97
C ARG A 33 5.64 10.58 20.49
N GLN A 34 4.81 11.48 20.03
CA GLN A 34 4.94 12.88 20.41
C GLN A 34 4.71 13.07 21.91
N ALA A 35 3.76 12.31 22.46
CA ALA A 35 3.42 12.44 23.88
C ALA A 35 4.36 11.67 24.79
N HIS A 36 5.21 10.81 24.22
CA HIS A 36 6.12 10.00 24.98
C HIS A 36 7.52 10.02 24.37
N PRO A 37 8.17 11.20 24.41
CA PRO A 37 9.46 11.42 23.74
C PRO A 37 10.64 10.62 24.30
N ASN A 38 10.52 10.09 25.51
CA ASN A 38 11.58 9.24 26.08
C ASN A 38 11.35 7.75 25.81
N LEU A 39 10.34 7.43 25.01
CA LEU A 39 10.09 6.05 24.55
C LEU A 39 10.64 5.84 23.15
N ARG A 40 11.24 4.67 22.92
CA ARG A 40 11.59 4.24 21.57
C ARG A 40 10.50 3.32 21.06
N ILE A 41 9.81 3.72 20.01
CA ILE A 41 8.77 2.89 19.43
C ILE A 41 9.30 2.24 18.16
N GLU A 42 9.15 0.93 18.09
CA GLU A 42 9.59 0.17 16.96
C GLU A 42 8.35 -0.47 16.36
N LEU A 43 8.23 -0.43 15.04
CA LEU A 43 7.04 -0.91 14.34
C LEU A 43 7.42 -2.10 13.47
N TYR A 44 6.59 -3.13 13.51
CA TYR A 44 6.81 -4.34 12.75
C TYR A 44 5.55 -4.73 12.00
N GLU A 45 5.63 -4.78 10.68
CA GLU A 45 4.56 -5.32 9.86
C GLU A 45 4.52 -6.84 10.04
N MET A 46 3.37 -7.34 10.49
CA MET A 46 3.14 -8.77 10.58
C MET A 46 1.65 -9.06 10.62
N GLY A 47 1.27 -10.20 10.05
CA GLY A 47 -0.11 -10.67 10.10
C GLY A 47 -0.51 -11.07 11.49
N THR A 48 -1.82 -11.24 11.68
CA THR A 48 -2.41 -11.50 12.99
C THR A 48 -1.93 -12.81 13.63
N LYS A 49 -1.82 -13.86 12.83
CA LYS A 49 -1.33 -15.15 13.30
C LYS A 49 0.10 -15.05 13.87
N ALA A 50 1.00 -14.40 13.13
CA ALA A 50 2.37 -14.17 13.59
C ALA A 50 2.44 -13.26 14.82
N GLN A 51 1.47 -12.36 14.96
CA GLN A 51 1.43 -11.48 16.12
C GLN A 51 1.27 -12.23 17.45
N THR A 52 0.59 -13.37 17.40
CA THR A 52 0.35 -14.18 18.61
C THR A 52 1.64 -14.74 19.18
N GLU A 53 2.46 -15.39 18.35
CA GLU A 53 3.73 -15.93 18.82
C GLU A 53 4.70 -14.82 19.25
N ALA A 54 4.66 -13.71 18.53
CA ALA A 54 5.48 -12.55 18.83
C ALA A 54 5.15 -11.95 20.21
N LEU A 55 3.86 -11.83 20.51
CA LEU A 55 3.43 -11.37 21.84
C LEU A 55 3.86 -12.33 22.95
N LYS A 56 3.60 -13.61 22.73
CA LYS A 56 3.96 -14.64 23.71
C LYS A 56 5.44 -14.63 24.11
N GLU A 57 6.30 -14.34 23.14
CA GLU A 57 7.76 -14.48 23.30
C GLU A 57 8.43 -13.17 23.66
N GLY A 58 7.67 -12.08 23.64
CA GLY A 58 8.20 -10.75 23.93
C GLY A 58 8.74 -10.00 22.73
N ARG A 59 8.52 -10.50 21.52
CA ARG A 59 9.07 -9.87 20.32
C ARG A 59 8.34 -8.55 20.02
N ILE A 60 7.02 -8.53 20.31
CA ILE A 60 6.26 -7.28 20.32
C ILE A 60 5.48 -7.14 21.64
N ASP A 61 4.98 -5.94 21.90
CA ASP A 61 4.21 -5.68 23.11
C ASP A 61 2.72 -5.40 22.88
N ALA A 62 2.37 -4.97 21.67
CA ALA A 62 0.97 -4.83 21.27
C ALA A 62 0.84 -5.13 19.78
N GLY A 63 -0.28 -5.76 19.40
CA GLY A 63 -0.53 -6.13 18.00
C GLY A 63 -1.87 -5.61 17.49
N PHE A 64 -1.85 -4.98 16.33
CA PHE A 64 -3.06 -4.46 15.70
C PHE A 64 -3.39 -5.35 14.52
N GLY A 65 -4.58 -5.97 14.56
CA GLY A 65 -4.96 -6.99 13.59
C GLY A 65 -6.43 -6.93 13.23
N ARG A 66 -6.82 -7.74 12.25
CA ARG A 66 -8.20 -7.77 11.78
C ARG A 66 -8.87 -9.11 12.02
N LEU A 67 -8.17 -10.01 12.71
CA LEU A 67 -8.71 -11.35 12.99
C LEU A 67 -8.70 -11.59 14.49
N LYS A 68 -9.67 -12.40 14.95
CA LYS A 68 -9.69 -12.88 16.32
C LYS A 68 -9.29 -14.35 16.30
N ILE A 69 -8.02 -14.62 16.61
CA ILE A 69 -7.53 -16.00 16.73
C ILE A 69 -7.29 -16.28 18.21
N SER A 70 -8.19 -17.03 18.82
CA SER A 70 -8.11 -17.27 20.25
C SER A 70 -6.86 -18.04 20.63
N ASP A 71 -6.14 -17.50 21.60
CA ASP A 71 -5.01 -18.16 22.21
C ASP A 71 -5.00 -17.79 23.69
N PRO A 72 -4.91 -18.81 24.56
CA PRO A 72 -4.95 -18.54 26.01
C PRO A 72 -3.93 -17.52 26.51
N ALA A 73 -2.78 -17.44 25.83
CA ALA A 73 -1.68 -16.56 26.24
C ALA A 73 -1.90 -15.10 25.89
N ILE A 74 -2.92 -14.84 25.08
CA ILE A 74 -3.21 -13.51 24.54
C ILE A 74 -4.61 -13.05 24.97
N LYS A 75 -4.79 -11.74 25.11
CA LYS A 75 -6.13 -11.15 25.19
C LYS A 75 -6.24 -9.98 24.22
N ARG A 76 -7.46 -9.62 23.83
CA ARG A 76 -7.66 -8.56 22.85
C ARG A 76 -8.85 -7.68 23.19
N THR A 77 -8.86 -6.49 22.60
CA THR A 77 -10.01 -5.61 22.68
C THR A 77 -10.39 -5.29 21.25
N LEU A 78 -11.69 -5.33 20.97
CA LEU A 78 -12.22 -4.91 19.70
C LEU A 78 -12.19 -3.40 19.70
N LEU A 79 -11.43 -2.81 18.78
CA LEU A 79 -11.32 -1.35 18.76
C LEU A 79 -12.55 -0.78 18.08
N ARG A 80 -12.89 -1.31 16.91
CA ARG A 80 -14.13 -0.95 16.21
C ARG A 80 -14.38 -1.90 15.05
N ASN A 81 -15.64 -1.95 14.60
CA ASN A 81 -15.99 -2.64 13.37
C ASN A 81 -15.95 -1.62 12.23
N GLU A 82 -14.98 -1.78 11.36
CA GLU A 82 -14.82 -0.91 10.22
C GLU A 82 -15.80 -1.33 9.10
N ARG A 83 -16.38 -0.35 8.42
CA ARG A 83 -17.28 -0.66 7.30
C ARG A 83 -16.52 -1.22 6.10
N LEU A 84 -17.21 -2.02 5.31
CA LEU A 84 -16.70 -2.46 4.01
C LEU A 84 -17.29 -1.59 2.94
N MET A 85 -16.57 -1.45 1.83
CA MET A 85 -17.07 -0.78 0.63
C MET A 85 -16.75 -1.63 -0.58
N VAL A 86 -17.40 -1.33 -1.70
CA VAL A 86 -17.13 -1.99 -2.96
C VAL A 86 -16.32 -1.04 -3.84
N ALA A 87 -15.08 -1.42 -4.13
CA ALA A 87 -14.27 -0.70 -5.10
C ALA A 87 -14.75 -1.12 -6.48
N VAL A 88 -15.12 -0.14 -7.31
CA VAL A 88 -15.56 -0.38 -8.68
C VAL A 88 -14.93 0.62 -9.65
N HIS A 89 -14.88 0.24 -10.91
CA HIS A 89 -14.42 1.15 -11.95
C HIS A 89 -15.47 2.24 -12.16
N ALA A 90 -15.00 3.47 -12.38
CA ALA A 90 -15.86 4.64 -12.44
C ALA A 90 -17.04 4.45 -13.39
N SER A 91 -16.81 3.70 -14.48
CA SER A 91 -17.81 3.45 -15.51
C SER A 91 -18.62 2.17 -15.30
N HIS A 92 -18.53 1.56 -14.13
CA HIS A 92 -19.31 0.36 -13.81
C HIS A 92 -20.72 0.81 -13.38
N PRO A 93 -21.77 0.08 -13.81
CA PRO A 93 -23.15 0.43 -13.41
C PRO A 93 -23.40 0.61 -11.91
N LEU A 94 -22.91 -0.32 -11.08
CA LEU A 94 -22.91 -0.17 -9.61
C LEU A 94 -22.42 1.19 -9.10
N ASN A 95 -21.54 1.85 -9.84
CA ASN A 95 -21.07 3.17 -9.42
C ASN A 95 -22.14 4.26 -9.45
N GLN A 96 -23.23 4.04 -10.17
CA GLN A 96 -24.34 4.99 -10.15
C GLN A 96 -25.10 4.95 -8.82
N MET A 97 -24.86 3.90 -8.02
CA MET A 97 -25.41 3.84 -6.66
C MET A 97 -24.33 4.20 -5.63
N LYS A 98 -23.43 5.10 -6.00
CA LYS A 98 -22.32 5.49 -5.13
C LYS A 98 -22.78 6.31 -3.93
N ASP A 99 -23.72 7.21 -4.15
CA ASP A 99 -24.26 8.04 -3.07
C ASP A 99 -25.06 7.21 -2.09
N LYS A 100 -25.86 6.29 -2.62
CA LYS A 100 -26.81 5.52 -1.81
C LYS A 100 -26.19 4.25 -1.22
N GLY A 101 -25.28 3.63 -1.96
CA GLY A 101 -24.72 2.34 -1.59
C GLY A 101 -25.45 1.17 -2.24
N VAL A 102 -24.92 -0.02 -2.02
CA VAL A 102 -25.50 -1.26 -2.56
C VAL A 102 -25.49 -2.35 -1.46
N HIS A 103 -26.06 -3.51 -1.77
CA HIS A 103 -26.08 -4.63 -0.84
C HIS A 103 -25.28 -5.80 -1.40
N LEU A 104 -24.93 -6.73 -0.52
CA LEU A 104 -24.16 -7.91 -0.92
C LEU A 104 -24.84 -8.66 -2.05
N ASN A 105 -26.16 -8.83 -1.97
CA ASN A 105 -26.88 -9.57 -3.01
C ASN A 105 -26.89 -8.88 -4.39
N ASP A 106 -26.53 -7.59 -4.44
CA ASP A 106 -26.29 -6.90 -5.72
C ASP A 106 -24.98 -7.34 -6.38
N LEU A 107 -24.08 -7.94 -5.60
CA LEU A 107 -22.72 -8.28 -6.09
C LEU A 107 -22.54 -9.71 -6.62
N ILE A 108 -23.52 -10.58 -6.38
CA ILE A 108 -23.37 -12.02 -6.65
C ILE A 108 -22.97 -12.42 -8.08
N ASP A 109 -23.42 -11.68 -9.09
CA ASP A 109 -23.07 -12.00 -10.48
C ASP A 109 -21.96 -11.08 -11.02
N GLU A 110 -21.33 -10.32 -10.12
CA GLU A 110 -20.21 -9.46 -10.50
C GLU A 110 -18.92 -10.23 -10.47
N LYS A 111 -17.95 -9.78 -11.27
CA LYS A 111 -16.61 -10.31 -11.23
C LYS A 111 -15.89 -9.75 -10.02
N ILE A 112 -15.72 -10.58 -9.00
CA ILE A 112 -15.23 -10.15 -7.69
C ILE A 112 -13.79 -10.56 -7.52
N LEU A 113 -12.95 -9.58 -7.16
CA LEU A 113 -11.55 -9.82 -6.87
C LEU A 113 -11.37 -9.95 -5.37
N LEU A 114 -10.99 -11.15 -4.94
CA LEU A 114 -10.72 -11.41 -3.53
C LEU A 114 -9.21 -11.36 -3.27
N TYR A 115 -8.85 -11.11 -2.02
CA TYR A 115 -7.44 -11.01 -1.63
C TYR A 115 -7.37 -11.16 -0.11
N PRO A 116 -6.18 -11.45 0.45
CA PRO A 116 -4.92 -11.77 -0.19
C PRO A 116 -4.86 -13.23 -0.67
N SER A 117 -3.67 -13.68 -1.04
CA SER A 117 -3.43 -15.06 -1.45
C SER A 117 -2.99 -15.92 -0.27
N SER A 118 -1.80 -15.64 0.25
CA SER A 118 -1.06 -16.61 1.09
C SER A 118 -1.73 -17.04 2.40
N PRO A 119 -1.93 -16.09 3.33
CA PRO A 119 -2.37 -16.48 4.68
C PRO A 119 -3.73 -17.18 4.72
N LYS A 120 -3.97 -17.97 5.77
CA LYS A 120 -5.30 -18.55 5.97
C LYS A 120 -5.56 -18.90 7.45
N PRO A 121 -6.69 -18.44 8.01
CA PRO A 121 -7.76 -17.65 7.38
C PRO A 121 -7.32 -16.21 7.09
N ASN A 122 -7.98 -15.57 6.12
CA ASN A 122 -7.61 -14.23 5.68
C ASN A 122 -8.83 -13.32 5.43
N PHE A 123 -8.65 -12.27 4.62
CA PHE A 123 -9.72 -11.32 4.32
C PHE A 123 -10.74 -11.93 3.34
N SER A 124 -10.27 -12.75 2.40
CA SER A 124 -11.17 -13.35 1.40
C SER A 124 -12.18 -14.34 2.01
N THR A 125 -11.73 -15.19 2.94
CA THR A 125 -12.64 -16.14 3.59
C THR A 125 -13.66 -15.41 4.48
N HIS A 126 -13.20 -14.40 5.20
CA HIS A 126 -14.07 -13.52 6.00
C HIS A 126 -15.13 -12.82 5.15
N VAL A 127 -14.71 -12.27 4.01
CA VAL A 127 -15.62 -11.66 3.03
C VAL A 127 -16.62 -12.71 2.54
N MET A 128 -16.10 -13.88 2.16
CA MET A 128 -16.97 -14.93 1.64
C MET A 128 -17.94 -15.44 2.71
N ASN A 129 -17.52 -15.47 3.96
CA ASN A 129 -18.38 -15.91 5.07
C ASN A 129 -19.56 -14.96 5.31
N ILE A 130 -19.39 -13.68 5.02
CA ILE A 130 -20.50 -12.73 5.14
C ILE A 130 -21.53 -13.03 4.03
N PHE A 131 -21.08 -13.33 2.83
CA PHE A 131 -22.01 -13.76 1.77
C PHE A 131 -22.83 -14.99 2.20
N SER A 132 -22.13 -16.06 2.57
CA SER A 132 -22.78 -17.34 2.89
C SER A 132 -23.64 -17.27 4.15
N ASP A 133 -23.31 -16.35 5.07
CA ASP A 133 -24.16 -16.10 6.23
C ASP A 133 -25.60 -15.75 5.82
N HIS A 134 -25.76 -15.26 4.58
CA HIS A 134 -27.07 -14.88 4.07
C HIS A 134 -27.49 -15.68 2.84
N GLY A 135 -26.95 -16.90 2.70
CA GLY A 135 -27.32 -17.77 1.60
C GLY A 135 -27.00 -17.19 0.23
N LEU A 136 -25.91 -16.44 0.16
CA LEU A 136 -25.43 -15.87 -1.09
C LEU A 136 -24.09 -16.53 -1.45
N GLU A 137 -23.96 -16.96 -2.69
CA GLU A 137 -22.74 -17.61 -3.17
C GLU A 137 -22.31 -16.99 -4.49
N PRO A 138 -21.40 -15.99 -4.45
CA PRO A 138 -20.86 -15.37 -5.66
C PRO A 138 -20.26 -16.37 -6.65
N THR A 139 -20.60 -16.19 -7.93
CA THR A 139 -20.25 -17.16 -8.97
C THR A 139 -19.02 -16.80 -9.81
N LYS A 140 -18.47 -15.61 -9.62
CA LYS A 140 -17.31 -15.15 -10.40
C LYS A 140 -16.19 -14.68 -9.47
N ILE A 141 -15.50 -15.65 -8.86
CA ILE A 141 -14.45 -15.38 -7.87
C ILE A 141 -13.06 -15.51 -8.48
N ASN A 142 -12.34 -14.38 -8.56
CA ASN A 142 -10.95 -14.37 -8.94
C ASN A 142 -10.12 -13.88 -7.76
N GLU A 143 -9.17 -14.67 -7.29
CA GLU A 143 -8.35 -14.30 -6.13
C GLU A 143 -6.99 -13.74 -6.55
N VAL A 144 -6.58 -12.63 -5.93
CA VAL A 144 -5.30 -11.98 -6.23
C VAL A 144 -4.45 -11.85 -4.97
N ARG A 145 -3.18 -11.49 -5.17
CA ARG A 145 -2.16 -11.62 -4.13
C ARG A 145 -2.36 -10.66 -2.97
N GLU A 146 -2.74 -9.42 -3.29
CA GLU A 146 -2.63 -8.30 -2.36
C GLU A 146 -3.69 -7.24 -2.65
N VAL A 147 -3.94 -6.35 -1.71
CA VAL A 147 -4.98 -5.32 -1.89
C VAL A 147 -4.68 -4.36 -3.05
N GLN A 148 -3.41 -3.97 -3.20
CA GLN A 148 -3.03 -3.01 -4.23
C GLN A 148 -3.23 -3.55 -5.65
N LEU A 149 -3.02 -4.86 -5.85
CA LEU A 149 -3.28 -5.46 -7.16
C LEU A 149 -4.76 -5.57 -7.43
N ALA A 150 -5.53 -5.89 -6.40
CA ALA A 150 -6.99 -5.89 -6.49
C ALA A 150 -7.48 -4.51 -6.92
N LEU A 151 -7.07 -3.49 -6.19
CA LEU A 151 -7.43 -2.11 -6.54
C LEU A 151 -6.98 -1.73 -7.94
N GLY A 152 -5.78 -2.14 -8.32
CA GLY A 152 -5.26 -1.90 -9.66
C GLY A 152 -6.10 -2.55 -10.76
N LEU A 153 -6.55 -3.77 -10.53
CA LEU A 153 -7.37 -4.49 -11.52
C LEU A 153 -8.78 -3.92 -11.58
N VAL A 154 -9.31 -3.48 -10.43
CA VAL A 154 -10.60 -2.77 -10.43
C VAL A 154 -10.48 -1.44 -11.19
N ALA A 155 -9.40 -0.69 -10.92
CA ALA A 155 -9.13 0.55 -11.64
C ALA A 155 -8.94 0.30 -13.13
N ALA A 156 -8.44 -0.89 -13.46
CA ALA A 156 -8.35 -1.31 -14.86
C ALA A 156 -9.71 -1.77 -15.43
N GLY A 157 -10.72 -1.92 -14.58
CA GLY A 157 -12.07 -2.28 -15.03
C GLY A 157 -12.26 -3.77 -15.26
N GLU A 158 -11.44 -4.57 -14.59
CA GLU A 158 -11.49 -6.03 -14.73
C GLU A 158 -12.38 -6.73 -13.67
N GLY A 159 -12.95 -5.95 -12.74
CA GLY A 159 -13.86 -6.50 -11.74
C GLY A 159 -14.12 -5.53 -10.59
N ILE A 160 -14.61 -6.07 -9.47
CA ILE A 160 -14.85 -5.29 -8.27
C ILE A 160 -14.16 -5.94 -7.07
N SER A 161 -14.02 -5.20 -5.97
CA SER A 161 -13.44 -5.79 -4.78
C SER A 161 -14.06 -5.19 -3.52
N LEU A 162 -14.28 -6.04 -2.52
CA LEU A 162 -14.78 -5.58 -1.22
C LEU A 162 -13.57 -5.24 -0.37
N VAL A 163 -13.53 -4.02 0.15
CA VAL A 163 -12.36 -3.50 0.84
C VAL A 163 -12.76 -2.71 2.08
N PRO A 164 -11.87 -2.65 3.10
CA PRO A 164 -12.14 -1.77 4.22
C PRO A 164 -12.35 -0.33 3.80
N ALA A 165 -13.23 0.37 4.52
CA ALA A 165 -13.50 1.78 4.28
C ALA A 165 -12.27 2.69 4.30
N SER A 166 -11.26 2.37 5.11
CA SER A 166 -10.03 3.16 5.16
C SER A 166 -9.22 3.09 3.85
N THR A 167 -9.54 2.14 2.99
CA THR A 167 -8.90 2.03 1.66
C THR A 167 -9.12 3.27 0.78
N GLN A 168 -10.11 4.09 1.14
CA GLN A 168 -10.40 5.35 0.46
C GLN A 168 -9.24 6.36 0.45
N SER A 169 -8.21 6.07 1.23
CA SER A 169 -6.98 6.85 1.24
C SER A 169 -6.22 6.71 -0.09
N ILE A 170 -6.48 5.61 -0.77
CA ILE A 170 -5.86 5.32 -2.05
C ILE A 170 -6.83 5.72 -3.16
N GLN A 171 -6.59 6.86 -3.79
CA GLN A 171 -7.51 7.34 -4.82
C GLN A 171 -6.88 7.16 -6.18
N LEU A 172 -7.16 6.02 -6.78
CA LEU A 172 -6.66 5.72 -8.10
C LEU A 172 -7.59 6.36 -9.12
N PHE A 173 -7.02 6.76 -10.25
CA PHE A 173 -7.81 7.30 -11.35
C PHE A 173 -8.85 6.27 -11.81
N ASN A 174 -10.09 6.74 -11.99
CA ASN A 174 -11.24 5.93 -12.44
C ASN A 174 -11.66 4.80 -11.49
N LEU A 175 -11.26 4.91 -10.23
CA LEU A 175 -11.67 3.99 -9.17
C LEU A 175 -12.63 4.73 -8.24
N SER A 176 -13.77 4.11 -7.95
CA SER A 176 -14.77 4.68 -7.06
C SER A 176 -15.05 3.72 -5.90
N TYR A 177 -15.29 4.27 -4.71
CA TYR A 177 -15.68 3.46 -3.57
C TYR A 177 -17.17 3.62 -3.27
N VAL A 178 -17.88 2.50 -3.29
CA VAL A 178 -19.34 2.45 -3.09
C VAL A 178 -19.68 1.85 -1.73
N PRO A 179 -20.52 2.54 -0.94
CA PRO A 179 -20.85 1.99 0.36
C PRO A 179 -21.61 0.68 0.26
N LEU A 180 -21.33 -0.23 1.21
CA LEU A 180 -22.00 -1.51 1.30
C LEU A 180 -22.97 -1.41 2.48
N LEU A 181 -24.26 -1.62 2.20
CA LEU A 181 -25.32 -1.27 3.15
C LEU A 181 -25.65 -2.33 4.19
N ASP A 182 -25.28 -3.59 3.96
CA ASP A 182 -25.60 -4.64 4.93
C ASP A 182 -24.94 -4.32 6.26
N PRO A 183 -25.71 -4.31 7.36
CA PRO A 183 -25.10 -3.84 8.60
C PRO A 183 -23.94 -4.71 9.10
N ASP A 184 -23.88 -5.97 8.67
CA ASP A 184 -22.78 -6.87 9.04
C ASP A 184 -21.66 -6.93 8.00
N ALA A 185 -21.75 -6.10 6.97
CA ALA A 185 -20.65 -5.91 6.01
C ALA A 185 -19.57 -5.04 6.69
N ILE A 186 -18.85 -5.67 7.60
CA ILE A 186 -17.85 -4.99 8.41
C ILE A 186 -16.61 -5.84 8.51
N THR A 187 -15.52 -5.22 8.98
CA THR A 187 -14.28 -5.94 9.27
C THR A 187 -13.72 -5.39 10.57
N PRO A 188 -13.45 -6.28 11.53
CA PRO A 188 -13.04 -5.84 12.86
C PRO A 188 -11.57 -5.40 12.92
N ILE A 189 -11.27 -4.46 13.81
CA ILE A 189 -9.89 -4.09 14.13
C ILE A 189 -9.68 -4.34 15.63
N TYR A 190 -8.64 -5.13 15.94
CA TYR A 190 -8.30 -5.49 17.32
C TYR A 190 -6.93 -4.98 17.73
N ILE A 191 -6.80 -4.71 19.03
CA ILE A 191 -5.49 -4.61 19.68
C ILE A 191 -5.35 -5.81 20.61
N ALA A 192 -4.27 -6.56 20.42
CA ALA A 192 -3.97 -7.72 21.23
C ALA A 192 -2.68 -7.51 22.03
N VAL A 193 -2.69 -8.04 23.25
CA VAL A 193 -1.57 -7.96 24.17
C VAL A 193 -1.44 -9.26 24.93
N ARG A 194 -0.36 -9.42 25.67
CA ARG A 194 -0.19 -10.59 26.50
C ARG A 194 -1.29 -10.67 27.56
N ASN A 195 -1.70 -11.90 27.89
CA ASN A 195 -2.72 -12.13 28.92
C ASN A 195 -2.13 -11.96 30.33
N MET A 196 -1.90 -10.70 30.67
CA MET A 196 -1.38 -10.26 31.96
C MET A 196 -1.76 -8.79 32.05
N GLU A 197 -1.44 -8.16 33.16
CA GLU A 197 -1.67 -6.73 33.32
C GLU A 197 -0.81 -5.93 32.35
N GLU A 198 -1.46 -5.07 31.55
CA GLU A 198 -0.75 -4.18 30.63
C GLU A 198 0.23 -3.27 31.37
N SER A 199 1.42 -3.12 30.80
CA SER A 199 2.41 -2.18 31.31
C SER A 199 1.86 -0.76 31.24
N THR A 200 2.53 0.14 31.97
CA THR A 200 2.13 1.54 31.93
CA THR A 200 2.29 1.60 31.90
C THR A 200 2.24 2.08 30.48
N TYR A 201 3.19 1.59 29.70
CA TYR A 201 3.42 2.04 28.33
C TYR A 201 2.28 1.63 27.40
N ILE A 202 1.79 0.40 27.56
CA ILE A 202 0.65 -0.07 26.77
C ILE A 202 -0.64 0.65 27.19
N TYR A 203 -0.80 0.90 28.48
CA TYR A 203 -1.94 1.70 28.93
C TYR A 203 -1.94 3.09 28.29
N SER A 204 -0.76 3.70 28.11
CA SER A 204 -0.66 5.00 27.43
C SER A 204 -1.09 4.88 25.97
N LEU A 205 -0.72 3.77 25.33
CA LEU A 205 -1.13 3.50 23.95
C LEU A 205 -2.65 3.40 23.89
N TYR A 206 -3.27 2.71 24.85
CA TYR A 206 -4.75 2.69 24.95
C TYR A 206 -5.31 4.10 25.05
N GLU A 207 -4.70 4.95 25.87
CA GLU A 207 -5.17 6.32 26.06
C GLU A 207 -5.17 7.10 24.74
N THR A 208 -4.11 6.91 23.95
CA THR A 208 -3.98 7.60 22.67
C THR A 208 -5.05 7.15 21.71
N ILE A 209 -5.34 5.85 21.70
CA ILE A 209 -6.37 5.30 20.83
C ILE A 209 -7.72 5.90 21.21
N ARG A 210 -8.01 5.97 22.51
CA ARG A 210 -9.26 6.55 23.00
C ARG A 210 -9.42 8.02 22.56
N GLN A 211 -8.32 8.76 22.61
CA GLN A 211 -8.29 10.16 22.21
C GLN A 211 -8.66 10.36 20.73
N ILE A 212 -8.01 9.60 19.85
CA ILE A 212 -8.27 9.72 18.41
C ILE A 212 -9.67 9.23 18.05
N TYR A 213 -10.10 8.12 18.67
CA TYR A 213 -11.43 7.58 18.47
C TYR A 213 -12.54 8.54 18.90
N ALA A 214 -12.27 9.35 19.92
CA ALA A 214 -13.20 10.41 20.33
C ALA A 214 -13.24 11.53 19.30
N TYR A 215 -12.06 11.93 18.79
CA TYR A 215 -11.99 12.96 17.75
C TYR A 215 -12.77 12.54 16.50
N GLU A 216 -12.73 11.23 16.21
CA GLU A 216 -13.46 10.65 15.10
C GLU A 216 -14.93 10.37 15.41
N GLY A 217 -15.31 10.43 16.68
CA GLY A 217 -16.71 10.26 17.10
C GLY A 217 -17.24 8.83 17.11
N PHE A 218 -16.37 7.84 17.30
CA PHE A 218 -16.80 6.45 17.34
C PHE A 218 -17.53 6.11 18.63
N THR A 219 -18.55 5.27 18.53
CA THR A 219 -19.32 4.83 19.68
C THR A 219 -18.66 3.62 20.29
N GLU A 220 -18.39 3.69 21.60
CA GLU A 220 -17.73 2.60 22.30
C GLU A 220 -18.45 2.26 23.60
N PRO A 221 -18.43 0.99 24.02
CA PRO A 221 -19.16 0.59 25.21
C PRO A 221 -18.53 1.14 26.49
N PRO A 222 -19.28 1.12 27.60
CA PRO A 222 -18.72 1.58 28.87
C PRO A 222 -17.46 0.81 29.26
N ASN A 223 -16.48 1.52 29.83
CA ASN A 223 -15.21 0.94 30.27
C ASN A 223 -14.39 0.29 29.14
N TRP A 224 -14.59 0.74 27.91
CA TRP A 224 -13.84 0.28 26.75
C TRP A 224 -12.40 0.78 26.88
N LEU A 225 -11.45 -0.15 26.85
CA LEU A 225 -10.01 0.14 27.00
C LEU A 225 -9.61 0.84 28.29
N GLU A 226 -10.47 0.79 29.30
CA GLU A 226 -10.23 1.57 30.51
C GLU A 226 -9.55 0.74 31.59
N HIS A 227 -8.39 1.25 32.02
CA HIS A 227 -7.59 0.69 33.10
C HIS A 227 -8.26 0.96 34.43
N HIS A 228 -8.49 -0.09 35.21
CA HIS A 228 -8.94 0.07 36.60
C HIS A 228 -7.91 -0.50 37.58
N HIS A 229 -7.49 0.34 38.52
CA HIS A 229 -6.42 0.03 39.47
C HIS A 229 -6.54 -1.33 40.15
N HIS A 230 -5.40 -1.97 40.42
CA HIS A 230 -5.36 -3.19 41.23
C HIS A 230 -5.06 -2.88 42.71
N HIS A 231 -5.07 -1.60 43.07
CA HIS A 231 -4.98 -1.18 44.47
C HIS A 231 -5.45 0.28 44.65
N LYS B 10 -3.75 -15.45 -27.38
CA LYS B 10 -4.93 -15.14 -26.51
C LYS B 10 -4.59 -14.99 -25.02
N THR B 11 -3.31 -15.05 -24.66
CA THR B 11 -2.87 -14.78 -23.29
C THR B 11 -1.61 -13.94 -23.28
N ILE B 12 -1.69 -12.75 -22.68
CA ILE B 12 -0.51 -11.90 -22.52
C ILE B 12 -0.14 -11.78 -21.05
N ARG B 13 1.16 -11.92 -20.77
CA ARG B 13 1.69 -11.90 -19.41
C ARG B 13 2.56 -10.67 -19.23
N ILE B 14 2.15 -9.79 -18.32
CA ILE B 14 2.83 -8.53 -18.07
C ILE B 14 3.45 -8.48 -16.67
N GLY B 15 4.74 -8.18 -16.61
CA GLY B 15 5.43 -7.94 -15.36
C GLY B 15 5.47 -6.44 -15.07
N PHE B 16 5.38 -6.08 -13.79
CA PHE B 16 5.34 -4.65 -13.43
C PHE B 16 5.84 -4.43 -12.00
N VAL B 17 6.50 -3.31 -11.77
CA VAL B 17 6.86 -2.91 -10.41
C VAL B 17 5.65 -2.29 -9.70
N GLY B 18 5.51 -2.57 -8.41
CA GLY B 18 4.29 -2.23 -7.65
C GLY B 18 3.80 -0.81 -7.78
N SER B 19 4.73 0.16 -7.71
CA SER B 19 4.38 1.58 -7.76
C SER B 19 3.52 1.97 -8.95
N LEU B 20 3.66 1.24 -10.06
CA LEU B 20 2.91 1.55 -11.28
C LEU B 20 1.40 1.34 -11.12
N LEU B 21 1.00 0.44 -10.21
CA LEU B 21 -0.42 0.27 -9.87
C LEU B 21 -1.05 1.57 -9.39
N PHE B 22 -0.25 2.38 -8.68
CA PHE B 22 -0.73 3.62 -8.10
C PHE B 22 -0.74 4.76 -9.11
N GLY B 23 -0.18 4.51 -10.29
CA GLY B 23 -0.13 5.49 -11.37
C GLY B 23 -0.90 5.10 -12.61
N LEU B 24 -0.21 5.07 -13.74
CA LEU B 24 -0.85 4.96 -15.05
C LEU B 24 -1.18 3.53 -15.52
N LEU B 25 -0.66 2.52 -14.84
CA LEU B 25 -0.80 1.14 -15.34
C LEU B 25 -2.27 0.70 -15.56
N PRO B 26 -3.14 0.88 -14.56
CA PRO B 26 -4.54 0.45 -14.73
C PRO B 26 -5.31 1.12 -15.89
N ARG B 27 -5.11 2.42 -16.10
CA ARG B 27 -5.81 3.10 -17.21
C ARG B 27 -5.29 2.64 -18.57
N ILE B 28 -4.01 2.29 -18.63
CA ILE B 28 -3.42 1.69 -19.83
C ILE B 28 -4.07 0.34 -20.12
N ILE B 29 -4.08 -0.54 -19.12
CA ILE B 29 -4.73 -1.85 -19.25
C ILE B 29 -6.21 -1.73 -19.62
N HIS B 30 -6.90 -0.73 -19.08
CA HIS B 30 -8.32 -0.56 -19.37
C HIS B 30 -8.57 -0.17 -20.83
N LEU B 31 -7.81 0.79 -21.35
CA LEU B 31 -7.88 1.17 -22.76
C LEU B 31 -7.43 0.00 -23.65
N TYR B 32 -6.41 -0.73 -23.20
CA TYR B 32 -5.90 -1.91 -23.88
C TYR B 32 -6.99 -2.99 -24.01
N ARG B 33 -7.72 -3.21 -22.91
CA ARG B 33 -8.86 -4.14 -22.88
C ARG B 33 -9.90 -3.80 -23.93
N GLN B 34 -10.23 -2.51 -24.06
CA GLN B 34 -11.25 -2.07 -25.03
C GLN B 34 -10.90 -2.48 -26.48
N ALA B 35 -9.61 -2.60 -26.80
CA ALA B 35 -9.20 -3.07 -28.12
C ALA B 35 -9.14 -4.61 -28.23
N HIS B 36 -9.13 -5.31 -27.09
CA HIS B 36 -9.03 -6.77 -27.09
C HIS B 36 -10.02 -7.42 -26.11
N PRO B 37 -11.27 -7.61 -26.55
CA PRO B 37 -12.31 -8.10 -25.64
C PRO B 37 -12.18 -9.57 -25.23
N ASN B 38 -11.40 -10.36 -25.98
CA ASN B 38 -11.26 -11.80 -25.71
C ASN B 38 -9.82 -12.23 -25.44
N LEU B 39 -8.99 -11.31 -24.96
CA LEU B 39 -7.60 -11.61 -24.59
C LEU B 39 -7.50 -11.88 -23.09
N ARG B 40 -6.73 -12.90 -22.72
CA ARG B 40 -6.50 -13.18 -21.31
C ARG B 40 -5.28 -12.38 -20.85
N ILE B 41 -5.53 -11.37 -20.01
CA ILE B 41 -4.46 -10.50 -19.53
C ILE B 41 -4.06 -10.95 -18.13
N GLU B 42 -2.77 -11.21 -17.94
CA GLU B 42 -2.26 -11.68 -16.64
C GLU B 42 -1.16 -10.74 -16.16
N LEU B 43 -1.31 -10.25 -14.93
CA LEU B 43 -0.36 -9.27 -14.37
C LEU B 43 0.43 -9.90 -13.23
N TYR B 44 1.74 -9.65 -13.21
CA TYR B 44 2.64 -10.22 -12.21
C TYR B 44 3.58 -9.17 -11.65
N GLU B 45 3.43 -8.86 -10.36
CA GLU B 45 4.30 -7.90 -9.72
C GLU B 45 5.69 -8.51 -9.50
N MET B 46 6.71 -7.84 -10.00
CA MET B 46 8.09 -8.29 -9.81
C MET B 46 9.06 -7.15 -10.07
N GLY B 47 10.27 -7.26 -9.52
CA GLY B 47 11.31 -6.27 -9.73
C GLY B 47 11.84 -6.27 -11.14
N THR B 48 12.54 -5.19 -11.50
CA THR B 48 13.04 -4.99 -12.86
C THR B 48 14.07 -6.07 -13.28
N LYS B 49 14.95 -6.45 -12.35
CA LYS B 49 15.94 -7.49 -12.61
C LYS B 49 15.25 -8.84 -12.82
N ALA B 50 14.21 -9.08 -12.03
CA ALA B 50 13.43 -10.31 -12.12
C ALA B 50 12.64 -10.37 -13.43
N GLN B 51 12.20 -9.21 -13.92
CA GLN B 51 11.49 -9.12 -15.19
C GLN B 51 12.38 -9.53 -16.37
N THR B 52 13.66 -9.22 -16.27
CA THR B 52 14.61 -9.55 -17.33
C THR B 52 14.75 -11.06 -17.43
N GLU B 53 15.00 -11.70 -16.30
CA GLU B 53 15.11 -13.15 -16.24
C GLU B 53 13.79 -13.81 -16.68
N ALA B 54 12.67 -13.24 -16.24
CA ALA B 54 11.34 -13.75 -16.58
C ALA B 54 11.04 -13.68 -18.08
N LEU B 55 11.46 -12.60 -18.72
CA LEU B 55 11.32 -12.46 -20.17
C LEU B 55 12.15 -13.50 -20.91
N LYS B 56 13.39 -13.71 -20.46
CA LYS B 56 14.29 -14.67 -21.10
C LYS B 56 13.73 -16.10 -21.01
N GLU B 57 13.14 -16.43 -19.86
CA GLU B 57 12.53 -17.75 -19.65
C GLU B 57 11.12 -17.88 -20.22
N GLY B 58 10.56 -16.77 -20.72
CA GLY B 58 9.22 -16.77 -21.32
C GLY B 58 8.10 -16.75 -20.31
N ARG B 59 8.41 -16.38 -19.07
CA ARG B 59 7.42 -16.36 -18.00
C ARG B 59 6.49 -15.14 -18.15
N ILE B 60 7.03 -14.02 -18.64
CA ILE B 60 6.23 -12.86 -19.03
C ILE B 60 6.56 -12.45 -20.46
N ASP B 61 5.68 -11.65 -21.07
CA ASP B 61 5.86 -11.15 -22.45
C ASP B 61 6.37 -9.70 -22.50
N ALA B 62 6.03 -8.92 -21.47
CA ALA B 62 6.45 -7.52 -21.39
C ALA B 62 6.63 -7.13 -19.94
N GLY B 63 7.64 -6.32 -19.66
CA GLY B 63 7.95 -5.88 -18.29
C GLY B 63 8.01 -4.38 -18.20
N PHE B 64 7.30 -3.81 -17.21
CA PHE B 64 7.32 -2.37 -16.95
C PHE B 64 8.12 -2.11 -15.68
N GLY B 65 9.26 -1.44 -15.81
CA GLY B 65 10.20 -1.30 -14.71
C GLY B 65 10.80 0.08 -14.58
N ARG B 66 11.69 0.23 -13.61
CA ARG B 66 12.29 1.52 -13.26
C ARG B 66 13.81 1.43 -13.16
N LEU B 67 14.40 0.40 -13.77
CA LEU B 67 15.84 0.28 -13.86
C LEU B 67 16.23 -0.07 -15.29
N LYS B 68 17.38 0.44 -15.74
CA LYS B 68 17.92 0.05 -17.03
C LYS B 68 18.95 -1.06 -16.84
N ILE B 69 18.48 -2.30 -16.98
CA ILE B 69 19.35 -3.47 -16.92
C ILE B 69 19.76 -3.83 -18.35
N SER B 70 21.06 -3.79 -18.61
CA SER B 70 21.59 -4.12 -19.93
C SER B 70 21.66 -5.64 -20.08
N ASP B 71 21.08 -6.14 -21.18
CA ASP B 71 21.10 -7.56 -21.50
C ASP B 71 20.75 -7.73 -22.99
N PRO B 72 21.70 -8.24 -23.81
CA PRO B 72 21.48 -8.50 -25.25
C PRO B 72 20.17 -9.20 -25.62
N ALA B 73 19.67 -10.09 -24.75
CA ALA B 73 18.45 -10.84 -25.02
C ALA B 73 17.17 -10.01 -24.84
N ILE B 74 17.32 -8.80 -24.28
CA ILE B 74 16.18 -7.92 -23.98
C ILE B 74 16.28 -6.62 -24.76
N LYS B 75 15.15 -6.22 -25.38
CA LYS B 75 15.01 -4.89 -25.95
C LYS B 75 14.33 -4.00 -24.91
N ARG B 76 15.01 -2.92 -24.50
CA ARG B 76 14.47 -1.99 -23.52
C ARG B 76 14.22 -0.64 -24.17
N THR B 77 13.11 -0.01 -23.81
CA THR B 77 12.77 1.31 -24.32
C THR B 77 12.30 2.26 -23.21
N LEU B 78 12.84 3.47 -23.22
CA LEU B 78 12.46 4.51 -22.26
C LEU B 78 11.10 5.06 -22.62
N LEU B 79 10.16 5.00 -21.67
CA LEU B 79 8.81 5.50 -21.89
C LEU B 79 8.70 6.96 -21.48
N ARG B 80 9.11 7.27 -20.25
CA ARG B 80 9.19 8.66 -19.80
C ARG B 80 10.03 8.81 -18.55
N ASN B 81 10.52 10.03 -18.32
CA ASN B 81 11.25 10.37 -17.11
C ASN B 81 10.30 11.00 -16.10
N GLU B 82 9.79 10.18 -15.19
CA GLU B 82 8.92 10.66 -14.13
C GLU B 82 9.76 11.26 -13.02
N ARG B 83 9.23 12.29 -12.37
CA ARG B 83 9.95 12.94 -11.29
C ARG B 83 9.82 12.23 -9.96
N LEU B 84 10.87 12.36 -9.15
CA LEU B 84 10.85 11.94 -7.76
C LEU B 84 10.37 13.07 -6.88
N MET B 85 9.68 12.71 -5.81
CA MET B 85 9.26 13.67 -4.79
C MET B 85 9.71 13.18 -3.43
N VAL B 86 9.69 14.06 -2.45
CA VAL B 86 10.01 13.68 -1.09
C VAL B 86 8.70 13.60 -0.33
N ALA B 87 8.39 12.42 0.19
CA ALA B 87 7.23 12.22 1.06
C ALA B 87 7.63 12.52 2.49
N VAL B 88 6.91 13.43 3.15
CA VAL B 88 7.21 13.85 4.52
C VAL B 88 5.94 13.95 5.38
N HIS B 89 6.11 13.94 6.70
CA HIS B 89 5.01 14.27 7.61
C HIS B 89 4.69 15.78 7.48
N ALA B 90 3.41 16.13 7.61
CA ALA B 90 2.97 17.52 7.46
C ALA B 90 3.81 18.56 8.20
N SER B 91 4.23 18.24 9.41
CA SER B 91 4.99 19.16 10.25
C SER B 91 6.51 19.19 9.98
N HIS B 92 7.01 18.37 9.06
CA HIS B 92 8.45 18.34 8.78
C HIS B 92 8.91 19.69 8.20
N PRO B 93 10.11 20.19 8.62
CA PRO B 93 10.67 21.42 8.07
C PRO B 93 10.78 21.49 6.52
N LEU B 94 11.02 20.36 5.87
CA LEU B 94 11.04 20.30 4.42
C LEU B 94 9.68 20.65 3.80
N ASN B 95 8.61 20.54 4.59
CA ASN B 95 7.27 20.89 4.14
C ASN B 95 6.97 22.37 4.31
N GLN B 96 7.98 23.12 4.75
CA GLN B 96 7.87 24.55 5.03
C GLN B 96 8.68 25.38 4.03
N MET B 97 8.99 24.77 2.88
CA MET B 97 9.98 25.35 1.96
C MET B 97 9.40 25.54 0.56
N LYS B 98 8.14 25.95 0.49
CA LYS B 98 7.47 26.22 -0.77
C LYS B 98 8.15 27.39 -1.44
N ASP B 99 8.49 28.40 -0.63
CA ASP B 99 9.30 29.56 -1.03
C ASP B 99 10.47 29.22 -1.97
N LYS B 100 11.50 28.57 -1.43
CA LYS B 100 12.74 28.31 -2.17
C LYS B 100 12.78 26.94 -2.83
N GLY B 101 12.01 25.98 -2.30
CA GLY B 101 12.02 24.61 -2.83
C GLY B 101 13.12 23.78 -2.21
N VAL B 102 13.12 22.49 -2.52
CA VAL B 102 13.99 21.53 -1.84
C VAL B 102 14.92 20.77 -2.80
N HIS B 103 16.21 20.69 -2.44
CA HIS B 103 17.20 19.93 -3.21
C HIS B 103 17.61 18.65 -2.49
N LEU B 104 18.19 17.73 -3.24
CA LEU B 104 18.69 16.48 -2.69
C LEU B 104 19.64 16.69 -1.52
N ASN B 105 20.49 17.71 -1.63
CA ASN B 105 21.48 17.98 -0.57
C ASN B 105 20.84 18.49 0.72
N ASP B 106 19.55 18.81 0.68
CA ASP B 106 18.79 19.11 1.90
C ASP B 106 18.41 17.85 2.69
N LEU B 107 18.49 16.68 2.06
CA LEU B 107 17.97 15.44 2.64
C LEU B 107 18.99 14.59 3.37
N ILE B 108 20.25 14.99 3.36
CA ILE B 108 21.36 14.09 3.72
C ILE B 108 21.42 13.63 5.18
N ASP B 109 20.94 14.46 6.11
CA ASP B 109 20.94 14.09 7.53
C ASP B 109 19.57 13.64 8.05
N GLU B 110 18.62 13.40 7.13
CA GLU B 110 17.30 12.91 7.49
C GLU B 110 17.26 11.39 7.54
N LYS B 111 16.32 10.84 8.31
CA LYS B 111 16.06 9.41 8.29
C LYS B 111 15.28 9.09 7.02
N ILE B 112 15.90 8.37 6.10
CA ILE B 112 15.32 8.11 4.80
C ILE B 112 14.84 6.66 4.74
N LEU B 113 13.61 6.49 4.27
CA LEU B 113 12.98 5.19 4.13
C LEU B 113 12.99 4.82 2.66
N LEU B 114 13.73 3.76 2.33
CA LEU B 114 13.86 3.31 0.96
C LEU B 114 13.17 1.95 0.81
N TYR B 115 13.05 1.50 -0.44
CA TYR B 115 12.33 0.27 -0.76
C TYR B 115 12.69 -0.11 -2.20
N PRO B 116 12.47 -1.38 -2.59
CA PRO B 116 12.04 -2.53 -1.81
C PRO B 116 13.19 -3.12 -1.01
N SER B 117 12.92 -4.18 -0.25
CA SER B 117 13.96 -4.91 0.49
C SER B 117 14.35 -6.21 -0.23
N SER B 118 13.89 -6.36 -1.46
CA SER B 118 14.29 -7.47 -2.32
C SER B 118 15.74 -7.31 -2.77
N PRO B 119 16.33 -8.35 -3.40
CA PRO B 119 17.72 -8.26 -3.83
C PRO B 119 18.04 -7.07 -4.73
N LYS B 120 19.28 -6.57 -4.62
CA LYS B 120 19.76 -5.46 -5.43
C LYS B 120 20.29 -5.96 -6.79
N PRO B 121 20.22 -5.13 -7.85
CA PRO B 121 19.79 -3.74 -7.87
C PRO B 121 18.28 -3.58 -7.88
N ASN B 122 17.79 -2.55 -7.21
CA ASN B 122 16.36 -2.26 -7.10
C ASN B 122 16.14 -0.75 -6.97
N PHE B 123 14.90 -0.34 -6.71
CA PHE B 123 14.58 1.09 -6.65
C PHE B 123 15.44 1.88 -5.67
N SER B 124 15.76 1.31 -4.51
CA SER B 124 16.61 2.03 -3.54
C SER B 124 18.03 2.25 -4.08
N THR B 125 18.55 1.31 -4.85
CA THR B 125 19.84 1.48 -5.51
C THR B 125 19.76 2.63 -6.52
N HIS B 126 18.66 2.70 -7.26
CA HIS B 126 18.42 3.81 -8.18
C HIS B 126 18.45 5.16 -7.45
N VAL B 127 17.76 5.25 -6.32
CA VAL B 127 17.71 6.47 -5.52
C VAL B 127 19.08 6.82 -4.93
N MET B 128 19.76 5.83 -4.34
CA MET B 128 21.07 6.10 -3.75
C MET B 128 22.13 6.49 -4.78
N ASN B 129 22.05 5.93 -5.98
CA ASN B 129 22.90 6.33 -7.11
C ASN B 129 22.75 7.80 -7.51
N ILE B 130 21.54 8.35 -7.39
CA ILE B 130 21.30 9.76 -7.72
C ILE B 130 22.01 10.63 -6.69
N PHE B 131 21.96 10.23 -5.42
CA PHE B 131 22.73 10.92 -4.39
C PHE B 131 24.23 10.85 -4.70
N SER B 132 24.72 9.66 -4.98
CA SER B 132 26.15 9.43 -5.15
C SER B 132 26.69 10.09 -6.41
N ASP B 133 25.87 10.12 -7.44
CA ASP B 133 26.14 10.88 -8.67
C ASP B 133 26.59 12.31 -8.40
N HIS B 134 26.19 12.86 -7.25
CA HIS B 134 26.58 14.22 -6.86
C HIS B 134 27.39 14.25 -5.57
N GLY B 135 28.01 13.13 -5.22
CA GLY B 135 28.89 13.07 -4.05
C GLY B 135 28.15 13.21 -2.73
N LEU B 136 26.90 12.75 -2.70
CA LEU B 136 26.09 12.74 -1.49
C LEU B 136 25.91 11.30 -1.04
N GLU B 137 26.00 11.07 0.27
CA GLU B 137 25.76 9.76 0.85
C GLU B 137 24.94 9.92 2.13
N PRO B 138 23.61 9.81 2.02
CA PRO B 138 22.73 9.83 3.20
C PRO B 138 23.10 8.68 4.11
N THR B 139 23.35 8.99 5.38
CA THR B 139 23.84 8.00 6.33
C THR B 139 22.73 7.20 7.05
N LYS B 140 21.51 7.74 7.06
CA LYS B 140 20.40 7.12 7.77
C LYS B 140 19.36 6.54 6.84
N ILE B 141 19.61 5.31 6.39
CA ILE B 141 18.75 4.63 5.43
C ILE B 141 18.17 3.39 6.08
N ASN B 142 16.87 3.19 5.88
CA ASN B 142 16.18 1.98 6.30
C ASN B 142 15.37 1.45 5.14
N GLU B 143 15.62 0.19 4.76
CA GLU B 143 14.94 -0.45 3.64
C GLU B 143 13.70 -1.19 4.11
N VAL B 144 12.56 -0.93 3.46
CA VAL B 144 11.30 -1.60 3.77
C VAL B 144 10.72 -2.28 2.53
N ARG B 145 9.69 -3.08 2.73
CA ARG B 145 9.17 -4.00 1.70
C ARG B 145 8.65 -3.34 0.43
N GLU B 146 7.92 -2.26 0.59
CA GLU B 146 7.21 -1.67 -0.55
C GLU B 146 6.87 -0.20 -0.28
N VAL B 147 6.48 0.48 -1.35
CA VAL B 147 6.22 1.91 -1.28
C VAL B 147 5.10 2.29 -0.31
N GLN B 148 4.02 1.51 -0.28
CA GLN B 148 2.87 1.86 0.59
C GLN B 148 3.26 1.76 2.07
N LEU B 149 4.16 0.85 2.39
CA LEU B 149 4.70 0.70 3.74
C LEU B 149 5.60 1.87 4.11
N ALA B 150 6.46 2.28 3.18
CA ALA B 150 7.31 3.43 3.38
C ALA B 150 6.47 4.68 3.69
N LEU B 151 5.43 4.87 2.89
CA LEU B 151 4.55 6.04 3.04
C LEU B 151 3.78 6.02 4.35
N GLY B 152 3.20 4.87 4.69
CA GLY B 152 2.52 4.71 5.97
C GLY B 152 3.44 4.97 7.15
N LEU B 153 4.69 4.53 7.04
CA LEU B 153 5.67 4.77 8.09
C LEU B 153 6.08 6.24 8.20
N VAL B 154 6.17 6.94 7.08
CA VAL B 154 6.39 8.40 7.08
C VAL B 154 5.26 9.11 7.83
N ALA B 155 4.03 8.71 7.53
CA ALA B 155 2.86 9.30 8.20
C ALA B 155 2.86 8.99 9.70
N ALA B 156 3.42 7.84 10.08
CA ALA B 156 3.50 7.45 11.47
C ALA B 156 4.63 8.16 12.22
N GLY B 157 5.49 8.87 11.48
CA GLY B 157 6.57 9.65 12.08
C GLY B 157 7.96 9.01 12.00
N GLU B 158 8.16 8.09 11.05
CA GLU B 158 9.38 7.27 11.00
C GLU B 158 10.53 7.91 10.24
N GLY B 159 10.23 8.93 9.44
CA GLY B 159 11.24 9.60 8.62
C GLY B 159 10.64 10.20 7.37
N ILE B 160 11.42 10.17 6.29
CA ILE B 160 10.99 10.65 4.98
C ILE B 160 11.26 9.56 3.93
N SER B 161 10.69 9.75 2.75
CA SER B 161 10.91 8.82 1.65
C SER B 161 10.94 9.56 0.34
N LEU B 162 11.65 8.98 -0.64
CA LEU B 162 11.67 9.50 -1.99
C LEU B 162 10.86 8.54 -2.86
N VAL B 163 9.89 9.09 -3.59
CA VAL B 163 8.89 8.28 -4.29
C VAL B 163 8.59 8.86 -5.68
N PRO B 164 8.12 8.02 -6.63
CA PRO B 164 7.67 8.56 -7.92
C PRO B 164 6.49 9.48 -7.71
N ALA B 165 6.39 10.54 -8.51
CA ALA B 165 5.31 11.52 -8.34
C ALA B 165 3.92 10.90 -8.43
N SER B 166 3.78 9.83 -9.21
CA SER B 166 2.48 9.21 -9.42
C SER B 166 1.98 8.40 -8.23
N THR B 167 2.79 8.23 -7.18
CA THR B 167 2.29 7.60 -5.96
C THR B 167 1.51 8.57 -5.08
N GLN B 168 1.34 9.82 -5.53
CA GLN B 168 0.47 10.77 -4.86
C GLN B 168 -1.01 10.37 -4.85
N SER B 169 -1.36 9.24 -5.49
CA SER B 169 -2.69 8.67 -5.31
C SER B 169 -2.91 8.17 -3.87
N ILE B 170 -1.82 7.95 -3.15
CA ILE B 170 -1.86 7.57 -1.75
C ILE B 170 -1.89 8.84 -0.91
N GLN B 171 -3.07 9.20 -0.43
CA GLN B 171 -3.24 10.41 0.36
C GLN B 171 -3.55 10.04 1.81
N LEU B 172 -2.48 9.83 2.58
CA LEU B 172 -2.64 9.50 3.99
C LEU B 172 -2.73 10.78 4.81
N PHE B 173 -3.44 10.69 5.93
CA PHE B 173 -3.56 11.78 6.90
C PHE B 173 -2.18 12.32 7.31
N ASN B 174 -2.00 13.62 7.11
CA ASN B 174 -0.76 14.32 7.46
C ASN B 174 0.48 13.85 6.69
N LEU B 175 0.25 13.35 5.47
CA LEU B 175 1.33 13.00 4.56
C LEU B 175 1.35 14.07 3.48
N SER B 176 2.53 14.62 3.23
CA SER B 176 2.72 15.63 2.21
C SER B 176 3.86 15.25 1.26
N TYR B 177 3.65 15.55 -0.02
CA TYR B 177 4.62 15.24 -1.06
C TYR B 177 5.26 16.54 -1.53
N VAL B 178 6.59 16.61 -1.42
CA VAL B 178 7.36 17.81 -1.74
C VAL B 178 8.16 17.60 -3.02
N PRO B 179 8.06 18.53 -3.98
CA PRO B 179 8.88 18.39 -5.20
C PRO B 179 10.39 18.53 -4.95
N LEU B 180 11.19 17.92 -5.82
CA LEU B 180 12.65 18.06 -5.79
C LEU B 180 13.10 18.92 -6.97
N LEU B 181 14.05 19.82 -6.71
CA LEU B 181 14.48 20.80 -7.71
CA LEU B 181 14.48 20.80 -7.72
C LEU B 181 15.57 20.27 -8.66
N ASP B 182 16.36 19.30 -8.19
CA ASP B 182 17.47 18.79 -9.00
C ASP B 182 16.90 18.19 -10.28
N PRO B 183 17.26 18.75 -11.45
CA PRO B 183 16.68 18.24 -12.68
C PRO B 183 16.78 16.72 -12.88
N ASP B 184 17.79 16.09 -12.30
CA ASP B 184 17.97 14.63 -12.42
C ASP B 184 17.40 13.81 -11.25
N ALA B 185 16.58 14.46 -10.42
CA ALA B 185 15.75 13.76 -9.43
C ALA B 185 14.57 13.08 -10.12
N ILE B 186 14.87 12.04 -10.87
CA ILE B 186 13.87 11.39 -11.71
C ILE B 186 13.92 9.91 -11.51
N THR B 187 12.83 9.27 -11.88
CA THR B 187 12.71 7.82 -11.91
C THR B 187 12.11 7.44 -13.26
N PRO B 188 12.96 7.13 -14.25
CA PRO B 188 12.45 6.72 -15.55
C PRO B 188 11.64 5.42 -15.50
N ILE B 189 10.68 5.31 -16.41
CA ILE B 189 9.90 4.10 -16.59
C ILE B 189 10.23 3.50 -17.95
N TYR B 190 10.60 2.22 -17.95
CA TYR B 190 10.96 1.50 -19.17
C TYR B 190 9.95 0.40 -19.46
N ILE B 191 9.76 0.10 -20.75
CA ILE B 191 9.17 -1.16 -21.17
C ILE B 191 10.31 -2.06 -21.66
N ALA B 192 10.27 -3.33 -21.24
CA ALA B 192 11.26 -4.32 -21.68
C ALA B 192 10.56 -5.51 -22.29
N VAL B 193 11.04 -5.95 -23.46
CA VAL B 193 10.59 -7.17 -24.11
C VAL B 193 11.78 -7.96 -24.65
N ARG B 194 11.55 -9.21 -25.04
CA ARG B 194 12.58 -10.06 -25.67
C ARG B 194 13.07 -9.44 -26.98
N ASN B 195 14.37 -9.56 -27.22
CA ASN B 195 15.02 -8.84 -28.31
C ASN B 195 14.39 -9.07 -29.68
N MET B 196 13.89 -10.27 -29.93
CA MET B 196 13.20 -10.58 -31.19
C MET B 196 11.70 -10.75 -30.97
N GLU B 197 11.12 -9.84 -30.21
CA GLU B 197 9.67 -9.80 -30.00
C GLU B 197 9.03 -9.12 -31.21
N GLU B 198 7.99 -9.75 -31.76
CA GLU B 198 7.32 -9.24 -32.95
C GLU B 198 5.85 -9.64 -32.95
N SER B 199 5.19 -9.44 -31.80
CA SER B 199 3.79 -9.82 -31.61
C SER B 199 2.87 -8.63 -31.78
N THR B 200 1.72 -8.87 -32.40
CA THR B 200 0.68 -7.87 -32.58
C THR B 200 0.21 -7.32 -31.24
N TYR B 201 0.06 -8.21 -30.26
CA TYR B 201 -0.41 -7.84 -28.92
C TYR B 201 0.53 -6.86 -28.22
N ILE B 202 1.84 -7.08 -28.37
CA ILE B 202 2.85 -6.22 -27.75
C ILE B 202 2.90 -4.86 -28.46
N TYR B 203 2.77 -4.87 -29.79
CA TYR B 203 2.68 -3.62 -30.55
C TYR B 203 1.48 -2.78 -30.11
N SER B 204 0.31 -3.41 -30.03
CA SER B 204 -0.91 -2.74 -29.58
C SER B 204 -0.77 -2.16 -28.17
N LEU B 205 -0.13 -2.90 -27.29
CA LEU B 205 0.14 -2.43 -25.94
C LEU B 205 0.95 -1.13 -25.97
N TYR B 206 1.99 -1.13 -26.80
CA TYR B 206 2.85 0.04 -26.95
C TYR B 206 2.10 1.23 -27.52
N GLU B 207 1.25 1.00 -28.52
CA GLU B 207 0.42 2.08 -29.06
C GLU B 207 -0.56 2.63 -28.03
N THR B 208 -1.09 1.76 -27.18
CA THR B 208 -2.03 2.16 -26.13
C THR B 208 -1.35 3.10 -25.13
N ILE B 209 -0.09 2.82 -24.81
CA ILE B 209 0.70 3.70 -23.94
C ILE B 209 0.84 5.08 -24.61
N ARG B 210 1.14 5.08 -25.90
CA ARG B 210 1.29 6.33 -26.66
C ARG B 210 -0.01 7.13 -26.72
N GLN B 211 -1.15 6.44 -26.76
CA GLN B 211 -2.45 7.10 -26.79
C GLN B 211 -2.76 7.79 -25.46
N ILE B 212 -2.45 7.12 -24.35
CA ILE B 212 -2.62 7.70 -23.03
C ILE B 212 -1.68 8.90 -22.84
N TYR B 213 -0.42 8.76 -23.25
CA TYR B 213 0.57 9.85 -23.12
C TYR B 213 0.15 11.09 -23.91
N ALA B 214 -0.26 10.90 -25.15
CA ALA B 214 -0.72 12.00 -25.99
C ALA B 214 -1.91 12.72 -25.35
N TYR B 215 -2.82 11.93 -24.79
CA TYR B 215 -3.96 12.46 -24.04
C TYR B 215 -3.52 13.11 -22.73
N GLU B 216 -2.56 12.49 -22.06
CA GLU B 216 -2.06 12.99 -20.76
C GLU B 216 -1.04 14.12 -20.92
N GLY B 217 -0.60 14.37 -22.14
CA GLY B 217 0.35 15.44 -22.42
C GLY B 217 1.80 15.09 -22.13
N PHE B 218 2.09 13.81 -21.96
CA PHE B 218 3.48 13.38 -21.80
C PHE B 218 4.17 13.35 -23.15
N THR B 219 5.48 13.49 -23.14
CA THR B 219 6.26 13.40 -24.37
C THR B 219 6.21 11.96 -24.88
N GLU B 220 5.97 11.83 -26.19
CA GLU B 220 5.79 10.53 -26.81
C GLU B 220 7.14 9.81 -26.91
N PRO B 221 7.17 8.50 -26.62
CA PRO B 221 8.39 7.72 -26.85
C PRO B 221 8.54 7.39 -28.34
N PRO B 222 9.71 6.83 -28.74
CA PRO B 222 9.91 6.48 -30.15
C PRO B 222 9.10 5.27 -30.60
C BEZ C . -8.29 2.31 12.85
O1 BEZ C . -9.41 2.60 13.63
O2 BEZ C . -8.25 2.58 11.57
C1 BEZ C . -7.10 1.72 13.53
C2 BEZ C . -6.79 2.11 14.81
C3 BEZ C . -5.68 1.58 15.46
C4 BEZ C . -4.90 0.65 14.78
C5 BEZ C . -5.22 0.25 13.49
C6 BEZ C . -6.33 0.78 12.86
C ACT D . -8.84 -9.78 -29.12
O ACT D . -9.15 -8.85 -29.89
OXT ACT D . -9.69 -10.11 -28.28
CH3 ACT D . -7.52 -10.47 -29.21
S SO4 E . 7.35 -2.22 -28.95
O1 SO4 E . 7.53 -0.79 -29.18
O2 SO4 E . 8.04 -2.94 -30.01
O3 SO4 E . 7.92 -2.58 -27.64
O4 SO4 E . 5.93 -2.56 -28.98
C2 CCU F . 9.41 -1.05 -6.80
C3 CCU F . 10.57 -1.39 -7.43
C4 CCU F . 11.12 -0.71 -8.59
C6 CCU F . 13.16 -2.17 -8.74
O4 CCU F . 13.59 -2.81 -9.70
O3 CCU F . 13.36 -2.46 -7.72
C5 CCU F . 12.25 -1.03 -9.18
C1 CCU F . 8.44 0.03 -7.11
O1 CCU F . 8.61 0.95 -8.04
O2 CCU F . 7.44 0.01 -6.42
H2 CCU F . 9.16 -1.66 -5.95
H3 CCU F . 11.07 -2.20 -7.01
H4 CCU F . 10.61 0.09 -9.01
H5 CCU F . 12.54 -0.46 -10.03
C BEZ G . 3.76 5.37 -16.86
O1 BEZ G . 4.18 6.25 -17.87
O2 BEZ G . 3.59 5.83 -15.66
C1 BEZ G . 3.50 3.94 -17.19
C2 BEZ G . 3.75 3.46 -18.48
C3 BEZ G . 3.51 2.12 -18.79
C4 BEZ G . 3.02 1.27 -17.80
C5 BEZ G . 2.77 1.76 -16.52
C6 BEZ G . 3.00 3.09 -16.20
#